data_4ZII
#
_entry.id   4ZII
#
_cell.length_a   103.801
_cell.length_b   103.801
_cell.length_c   38.007
_cell.angle_alpha   90.000
_cell.angle_beta   90.000
_cell.angle_gamma   90.000
#
_symmetry.space_group_name_H-M   'P 43 21 2'
#
loop_
_entity.id
_entity.type
_entity.pdbx_description
1 polymer 'Apoptosis regulator BAX'
2 polymer 'BH3-interacting domain death agonist'
3 non-polymer 1,2-ETHANEDIOL
4 water water
#
loop_
_entity_poly.entity_id
_entity_poly.type
_entity_poly.pdbx_seq_one_letter_code
_entity_poly.pdbx_strand_id
1 'polypeptide(L)'
;MDGSGEQPRGGGPTSSEQIMKTGALLLQGFIQDRAGRMGGEAPELALDPVPQDASTKKLSESLKRIGDELDSNMELQRMI
AAVDTDSPREVFFRVAADMFSDGNFNWGRVVALFYFASKLVLKALSTKVPELIRTIMGWTLDFLRERLLGWIQDQGGWDG
LLSYFGTPTW
;
A
2 'polypeptide(L)' SESQEDIIRNIARHLAQVGDSMDRSIPPGLVNGL C
#
# COMPACT_ATOMS: atom_id res chain seq x y z
N GLY A 10 -29.76 11.35 13.84
CA GLY A 10 -30.42 10.42 12.95
C GLY A 10 -30.02 10.65 11.51
N GLY A 11 -30.30 9.68 10.64
CA GLY A 11 -29.87 9.75 9.26
C GLY A 11 -29.66 8.37 8.65
N GLY A 12 -30.41 8.08 7.59
CA GLY A 12 -30.29 6.80 6.94
C GLY A 12 -29.06 6.70 6.05
N PRO A 13 -28.96 5.60 5.29
CA PRO A 13 -27.83 5.30 4.39
C PRO A 13 -27.59 6.41 3.34
N THR A 14 -28.61 7.20 3.04
CA THR A 14 -28.52 8.24 2.02
C THR A 14 -27.92 9.56 2.58
N SER A 15 -27.81 9.67 3.91
CA SER A 15 -27.26 10.89 4.50
C SER A 15 -25.76 11.00 4.23
N SER A 16 -25.28 12.23 4.07
CA SER A 16 -23.85 12.45 3.87
C SER A 16 -23.02 11.96 5.05
N GLU A 17 -23.61 12.05 6.24
CA GLU A 17 -22.92 11.60 7.45
C GLU A 17 -22.71 10.10 7.43
N GLN A 18 -23.75 9.37 7.09
CA GLN A 18 -23.62 7.92 7.07
C GLN A 18 -22.67 7.50 5.95
N ILE A 19 -22.70 8.23 4.84
CA ILE A 19 -21.83 7.90 3.73
C ILE A 19 -20.34 8.10 4.06
N MET A 20 -20.03 9.20 4.75
CA MET A 20 -18.65 9.44 5.15
C MET A 20 -18.26 8.44 6.23
N LYS A 21 -19.15 8.24 7.20
CA LYS A 21 -18.85 7.30 8.30
C LYS A 21 -18.59 5.86 7.81
N THR A 22 -19.54 5.31 7.06
CA THR A 22 -19.36 3.96 6.52
C THR A 22 -18.17 3.93 5.57
N GLY A 23 -18.04 4.99 4.77
CA GLY A 23 -16.95 5.06 3.81
C GLY A 23 -15.61 4.92 4.51
N ALA A 24 -15.44 5.63 5.62
CA ALA A 24 -14.20 5.55 6.38
C ALA A 24 -13.91 4.12 6.83
N LEU A 25 -14.93 3.46 7.39
CA LEU A 25 -14.84 2.08 7.87
C LEU A 25 -14.45 1.08 6.79
N LEU A 26 -15.18 1.09 5.69
CA LEU A 26 -14.87 0.19 4.59
C LEU A 26 -13.44 0.40 4.11
N LEU A 27 -13.05 1.66 3.91
CA LEU A 27 -11.72 1.95 3.35
C LEU A 27 -10.61 1.50 4.29
N GLN A 28 -10.79 1.78 5.58
CA GLN A 28 -9.79 1.39 6.57
C GLN A 28 -9.72 -0.12 6.70
N GLY A 29 -10.89 -0.75 6.83
CA GLY A 29 -10.95 -2.20 6.81
C GLY A 29 -10.19 -2.76 5.62
N PHE A 30 -10.44 -2.19 4.44
CA PHE A 30 -9.87 -2.71 3.21
C PHE A 30 -8.36 -2.53 3.16
N ILE A 31 -7.87 -1.34 3.51
CA ILE A 31 -6.45 -1.08 3.43
C ILE A 31 -5.68 -1.93 4.44
N GLN A 32 -6.21 -2.03 5.66
CA GLN A 32 -5.56 -2.79 6.73
C GLN A 32 -5.45 -4.25 6.36
N ASP A 33 -6.54 -4.79 5.82
CA ASP A 33 -6.60 -6.15 5.31
C ASP A 33 -5.42 -6.45 4.39
N ARG A 34 -5.27 -5.65 3.32
CA ARG A 34 -4.23 -5.91 2.33
C ARG A 34 -2.83 -5.63 2.84
N ALA A 35 -2.71 -4.76 3.84
CA ALA A 35 -1.40 -4.36 4.35
C ALA A 35 -0.87 -5.35 5.39
N GLY A 36 -1.70 -6.34 5.75
CA GLY A 36 -1.29 -7.37 6.67
C GLY A 36 -0.54 -8.51 6.00
N ARG A 37 -0.79 -8.71 4.71
CA ARG A 37 -0.15 -9.80 3.97
C ARG A 37 1.34 -9.53 3.74
N GLU A 44 4.02 -10.94 15.46
CA GLU A 44 4.42 -9.95 14.47
C GLU A 44 3.97 -8.56 14.92
N LEU A 45 3.57 -7.75 13.95
CA LEU A 45 2.92 -6.48 14.25
C LEU A 45 1.73 -6.19 13.34
N ALA A 46 0.56 -6.63 13.80
CA ALA A 46 -0.67 -6.54 13.04
C ALA A 46 -1.52 -5.38 13.57
N LEU A 47 -2.72 -5.26 12.99
CA LEU A 47 -3.56 -4.10 13.21
C LEU A 47 -4.85 -4.50 13.90
N ASP A 48 -5.33 -3.65 14.81
CA ASP A 48 -6.63 -3.82 15.44
C ASP A 48 -7.73 -3.71 14.39
N PRO A 49 -8.40 -4.82 14.09
CA PRO A 49 -9.43 -4.83 13.04
C PRO A 49 -10.54 -3.82 13.32
N VAL A 50 -11.23 -3.42 12.27
CA VAL A 50 -12.29 -2.42 12.34
C VAL A 50 -13.62 -3.08 12.71
N PRO A 51 -14.13 -2.79 13.92
CA PRO A 51 -15.41 -3.36 14.38
C PRO A 51 -16.57 -2.81 13.53
N GLN A 52 -17.46 -3.69 13.07
CA GLN A 52 -18.55 -3.27 12.18
C GLN A 52 -19.77 -4.18 12.27
N ASP A 53 -20.89 -3.73 11.70
CA ASP A 53 -22.13 -4.51 11.74
C ASP A 53 -22.16 -5.61 10.70
N ALA A 54 -23.28 -6.34 10.62
CA ALA A 54 -23.40 -7.45 9.68
C ALA A 54 -23.32 -7.01 8.21
N SER A 55 -24.06 -5.95 7.86
CA SER A 55 -24.07 -5.48 6.46
C SER A 55 -22.70 -4.96 6.02
N THR A 56 -22.04 -4.26 6.94
CA THR A 56 -20.73 -3.69 6.64
C THR A 56 -19.66 -4.77 6.53
N LYS A 57 -19.86 -5.89 7.23
CA LYS A 57 -18.94 -7.02 7.12
C LYS A 57 -19.11 -7.67 5.75
N LYS A 58 -20.36 -7.90 5.37
CA LYS A 58 -20.70 -8.38 4.04
C LYS A 58 -20.05 -7.52 2.96
N LEU A 59 -20.06 -6.20 3.15
CA LEU A 59 -19.43 -5.30 2.19
C LEU A 59 -17.90 -5.47 2.20
N SER A 60 -17.32 -5.48 3.40
CA SER A 60 -15.87 -5.66 3.55
C SER A 60 -15.42 -6.92 2.83
N GLU A 61 -16.14 -8.00 3.08
CA GLU A 61 -15.92 -9.30 2.47
C GLU A 61 -15.85 -9.21 0.95
N SER A 62 -16.84 -8.56 0.35
CA SER A 62 -16.88 -8.40 -1.10
C SER A 62 -15.77 -7.51 -1.66
N LEU A 63 -15.46 -6.42 -0.96
CA LEU A 63 -14.38 -5.55 -1.38
C LEU A 63 -13.11 -6.37 -1.45
N LYS A 64 -12.90 -7.18 -0.40
CA LYS A 64 -11.72 -8.01 -0.29
C LYS A 64 -11.58 -8.91 -1.52
N ARG A 65 -12.69 -9.52 -1.93
CA ARG A 65 -12.67 -10.40 -3.09
C ARG A 65 -12.31 -9.66 -4.38
N ILE A 66 -12.94 -8.52 -4.61
CA ILE A 66 -12.62 -7.69 -5.77
C ILE A 66 -11.15 -7.27 -5.76
N GLY A 67 -10.63 -6.91 -4.59
CA GLY A 67 -9.23 -6.56 -4.46
C GLY A 67 -8.31 -7.72 -4.79
N ASP A 68 -8.68 -8.91 -4.31
CA ASP A 68 -7.90 -10.10 -4.59
C ASP A 68 -7.84 -10.34 -6.10
N GLU A 69 -8.99 -10.22 -6.76
CA GLU A 69 -9.05 -10.36 -8.21
C GLU A 69 -8.26 -9.30 -8.96
N LEU A 70 -8.17 -8.09 -8.39
CA LEU A 70 -7.35 -7.04 -8.98
C LEU A 70 -5.86 -7.35 -8.87
N ASP A 71 -5.47 -7.95 -7.75
CA ASP A 71 -4.07 -8.36 -7.52
C ASP A 71 -3.58 -9.39 -8.56
N SER A 72 -4.50 -10.13 -9.17
CA SER A 72 -4.12 -11.10 -10.19
C SER A 72 -4.23 -10.50 -11.61
N ASN A 73 -4.19 -9.17 -11.68
CA ASN A 73 -4.17 -8.45 -12.94
C ASN A 73 -2.77 -7.91 -13.18
N MET A 74 -1.95 -8.69 -13.89
CA MET A 74 -0.51 -8.41 -13.99
C MET A 74 -0.18 -7.08 -14.68
N GLU A 75 -1.00 -6.69 -15.66
CA GLU A 75 -0.89 -5.38 -16.29
C GLU A 75 -0.88 -4.28 -15.23
N LEU A 76 -1.94 -4.24 -14.42
CA LEU A 76 -2.08 -3.25 -13.38
C LEU A 76 -0.88 -3.22 -12.43
N GLN A 77 -0.49 -4.38 -11.92
CA GLN A 77 0.60 -4.42 -10.94
C GLN A 77 1.90 -3.90 -11.52
N ARG A 78 2.16 -4.23 -12.77
CA ARG A 78 3.31 -3.72 -13.49
C ARG A 78 3.32 -2.19 -13.49
N MET A 79 2.27 -1.60 -14.07
CA MET A 79 2.18 -0.13 -14.12
C MET A 79 2.22 0.53 -12.75
N ILE A 80 1.58 -0.09 -11.76
CA ILE A 80 1.56 0.52 -10.43
C ILE A 80 2.96 0.56 -9.85
N ALA A 81 3.68 -0.55 -9.93
CA ALA A 81 5.08 -0.58 -9.46
C ALA A 81 5.97 0.37 -10.27
N ALA A 82 5.65 0.56 -11.55
CA ALA A 82 6.42 1.44 -12.42
C ALA A 82 6.37 2.91 -12.00
N VAL A 83 5.26 3.34 -11.41
CA VAL A 83 5.04 4.75 -11.13
C VAL A 83 5.89 5.23 -9.95
N ASP A 84 6.38 6.47 -10.03
CA ASP A 84 7.22 7.03 -8.99
C ASP A 84 6.38 7.72 -7.92
N THR A 85 6.52 7.31 -6.67
CA THR A 85 5.79 7.96 -5.58
C THR A 85 6.69 8.84 -4.70
N ASP A 86 7.42 9.76 -5.33
CA ASP A 86 8.16 10.79 -4.60
C ASP A 86 7.19 11.81 -3.98
N SER A 87 6.24 12.27 -4.78
CA SER A 87 5.11 13.08 -4.32
C SER A 87 3.81 12.27 -4.43
N PRO A 88 3.56 11.36 -3.48
CA PRO A 88 2.40 10.47 -3.64
C PRO A 88 1.03 11.17 -3.60
N ARG A 89 0.90 12.34 -2.96
CA ARG A 89 -0.37 13.05 -2.95
C ARG A 89 -0.72 13.51 -4.37
N GLU A 90 0.27 14.07 -5.07
CA GLU A 90 0.11 14.51 -6.44
C GLU A 90 -0.38 13.35 -7.30
N VAL A 91 0.25 12.19 -7.10
CA VAL A 91 -0.06 11.01 -7.89
C VAL A 91 -1.48 10.59 -7.58
N PHE A 92 -1.81 10.53 -6.29
CA PHE A 92 -3.16 10.11 -5.94
C PHE A 92 -4.21 10.98 -6.61
N PHE A 93 -4.09 12.30 -6.48
CA PHE A 93 -5.11 13.19 -7.04
C PHE A 93 -5.14 13.19 -8.56
N ARG A 94 -3.99 12.97 -9.18
CA ARG A 94 -3.96 12.99 -10.63
C ARG A 94 -4.68 11.75 -11.15
N VAL A 95 -4.42 10.61 -10.54
CA VAL A 95 -5.10 9.39 -10.94
C VAL A 95 -6.60 9.47 -10.66
N ALA A 96 -6.96 9.92 -9.45
CA ALA A 96 -8.36 10.04 -9.08
C ALA A 96 -9.14 10.92 -10.08
N ALA A 97 -8.60 12.09 -10.37
CA ALA A 97 -9.23 13.00 -11.32
C ALA A 97 -9.37 12.40 -12.72
N ASP A 98 -8.30 11.77 -13.20
CA ASP A 98 -8.30 11.15 -14.52
C ASP A 98 -9.35 10.04 -14.63
N MET A 99 -9.46 9.23 -13.58
CA MET A 99 -10.42 8.12 -13.52
C MET A 99 -11.87 8.55 -13.66
N PHE A 100 -12.20 9.75 -13.16
CA PHE A 100 -13.59 10.17 -13.18
C PHE A 100 -13.85 11.36 -14.11
N SER A 101 -12.89 11.64 -15.00
CA SER A 101 -12.94 12.86 -15.80
C SER A 101 -13.98 12.81 -16.94
N ASP A 102 -14.29 11.61 -17.43
CA ASP A 102 -15.31 11.45 -18.47
C ASP A 102 -16.73 11.61 -17.94
N GLY A 103 -16.88 12.00 -16.68
CA GLY A 103 -18.18 12.31 -16.11
C GLY A 103 -19.06 11.13 -15.71
N ASN A 104 -18.58 9.91 -15.98
CA ASN A 104 -19.30 8.70 -15.58
C ASN A 104 -19.00 8.27 -14.14
N PHE A 105 -19.90 7.49 -13.54
CA PHE A 105 -19.66 6.92 -12.22
C PHE A 105 -20.25 5.54 -12.22
N ASN A 106 -19.57 4.61 -11.57
CA ASN A 106 -20.14 3.32 -11.24
C ASN A 106 -19.39 2.76 -10.03
N TRP A 107 -19.94 1.71 -9.42
CA TRP A 107 -19.33 1.13 -8.23
C TRP A 107 -17.93 0.57 -8.47
N GLY A 108 -17.69 0.06 -9.68
CA GLY A 108 -16.40 -0.57 -9.99
C GLY A 108 -15.25 0.42 -9.92
N ARG A 109 -15.50 1.66 -10.35
CA ARG A 109 -14.48 2.68 -10.27
C ARG A 109 -14.18 3.09 -8.84
N VAL A 110 -15.22 3.09 -8.02
CA VAL A 110 -15.05 3.41 -6.61
C VAL A 110 -14.18 2.34 -5.96
N VAL A 111 -14.51 1.08 -6.21
CA VAL A 111 -13.72 -0.05 -5.74
C VAL A 111 -12.28 0.08 -6.23
N ALA A 112 -12.12 0.42 -7.52
CA ALA A 112 -10.78 0.53 -8.11
C ALA A 112 -9.98 1.65 -7.45
N LEU A 113 -10.69 2.70 -7.05
CA LEU A 113 -10.05 3.83 -6.40
C LEU A 113 -9.51 3.41 -5.03
N PHE A 114 -10.35 2.67 -4.31
CA PHE A 114 -9.99 2.13 -2.99
C PHE A 114 -8.78 1.24 -3.15
N TYR A 115 -8.81 0.40 -4.19
CA TYR A 115 -7.67 -0.47 -4.48
C TYR A 115 -6.43 0.37 -4.71
N PHE A 116 -6.55 1.42 -5.50
CA PHE A 116 -5.38 2.25 -5.74
C PHE A 116 -4.84 2.87 -4.45
N ALA A 117 -5.74 3.26 -3.56
CA ALA A 117 -5.33 3.84 -2.30
C ALA A 117 -4.49 2.84 -1.51
N SER A 118 -4.95 1.59 -1.43
CA SER A 118 -4.19 0.58 -0.67
C SER A 118 -2.80 0.33 -1.27
N LYS A 119 -2.68 0.41 -2.59
CA LYS A 119 -1.38 0.25 -3.24
C LYS A 119 -0.41 1.41 -2.96
N LEU A 120 -0.92 2.64 -2.78
CA LEU A 120 -0.03 3.75 -2.42
C LEU A 120 0.52 3.53 -1.02
N VAL A 121 -0.30 2.95 -0.15
CA VAL A 121 0.16 2.65 1.21
C VAL A 121 1.36 1.72 1.15
N LEU A 122 1.18 0.59 0.49
CA LEU A 122 2.26 -0.40 0.32
C LEU A 122 3.48 0.24 -0.32
N LYS A 123 3.25 1.05 -1.35
CA LYS A 123 4.34 1.67 -2.08
C LYS A 123 5.15 2.65 -1.22
N ALA A 124 4.47 3.47 -0.40
CA ALA A 124 5.13 4.37 0.55
C ALA A 124 5.93 3.59 1.60
N LEU A 125 5.33 2.50 2.08
CA LEU A 125 5.94 1.61 3.03
C LEU A 125 7.25 1.05 2.50
N SER A 126 7.24 0.72 1.21
CA SER A 126 8.40 0.13 0.56
C SER A 126 9.56 1.10 0.55
N THR A 127 9.28 2.36 0.23
CA THR A 127 10.35 3.36 0.24
C THR A 127 10.83 3.66 1.67
N LYS A 128 9.96 3.48 2.65
CA LYS A 128 10.32 3.75 4.04
C LYS A 128 11.26 2.69 4.63
N VAL A 129 11.07 1.43 4.25
CA VAL A 129 11.87 0.34 4.79
C VAL A 129 13.40 0.54 4.70
N PRO A 130 13.95 0.69 3.48
CA PRO A 130 15.40 0.89 3.44
C PRO A 130 15.88 2.14 4.17
N GLU A 131 15.03 3.15 4.33
CA GLU A 131 15.41 4.33 5.12
C GLU A 131 15.62 3.96 6.60
N LEU A 132 14.62 3.31 7.18
CA LEU A 132 14.67 2.85 8.55
C LEU A 132 15.90 2.00 8.79
N ILE A 133 16.15 1.06 7.87
CA ILE A 133 17.25 0.12 7.98
C ILE A 133 18.58 0.87 8.02
N ARG A 134 18.80 1.78 7.07
CA ARG A 134 20.03 2.56 7.03
C ARG A 134 20.24 3.35 8.31
N THR A 135 19.19 4.00 8.79
CA THR A 135 19.27 4.78 10.03
C THR A 135 19.71 3.89 11.22
N ILE A 136 19.08 2.73 11.34
CA ILE A 136 19.32 1.85 12.48
C ILE A 136 20.67 1.17 12.37
N MET A 137 21.05 0.80 11.15
CA MET A 137 22.39 0.32 10.88
C MET A 137 23.45 1.37 11.24
N GLY A 138 23.16 2.64 10.95
CA GLY A 138 24.03 3.73 11.35
C GLY A 138 24.32 3.68 12.87
N TRP A 139 23.27 3.55 13.67
CA TRP A 139 23.43 3.51 15.13
C TRP A 139 24.21 2.29 15.51
N THR A 140 23.84 1.15 14.93
CA THR A 140 24.46 -0.11 15.28
C THR A 140 25.94 -0.18 14.94
N LEU A 141 26.30 0.30 13.75
CA LEU A 141 27.69 0.29 13.32
C LEU A 141 28.52 1.34 14.07
N ASP A 142 27.88 2.44 14.44
CA ASP A 142 28.54 3.44 15.28
C ASP A 142 28.87 2.81 16.65
N PHE A 143 27.90 2.13 17.26
CA PHE A 143 28.16 1.49 18.54
C PHE A 143 29.28 0.45 18.39
N LEU A 144 29.19 -0.37 17.35
CA LEU A 144 30.12 -1.47 17.15
C LEU A 144 31.55 -0.96 16.98
N ARG A 145 31.72 0.09 16.19
CA ARG A 145 33.04 0.63 15.90
C ARG A 145 33.69 1.21 17.14
N GLU A 146 32.92 1.89 17.97
CA GLU A 146 33.49 2.56 19.14
C GLU A 146 33.56 1.68 20.37
N ARG A 147 32.77 0.61 20.41
CA ARG A 147 32.70 -0.18 21.63
C ARG A 147 33.16 -1.60 21.47
N LEU A 148 32.98 -2.17 20.28
CA LEU A 148 33.21 -3.59 20.07
C LEU A 148 34.39 -3.94 19.18
N LEU A 149 34.87 -2.97 18.40
CA LEU A 149 35.86 -3.22 17.34
C LEU A 149 37.14 -3.86 17.92
N GLY A 150 37.64 -3.28 19.00
CA GLY A 150 38.80 -3.82 19.71
C GLY A 150 38.67 -5.31 20.00
N TRP A 151 37.54 -5.69 20.59
CA TRP A 151 37.33 -7.08 20.95
C TRP A 151 37.25 -7.91 19.66
N ILE A 152 36.55 -7.41 18.65
CA ILE A 152 36.40 -8.17 17.41
C ILE A 152 37.78 -8.42 16.75
N GLN A 153 38.65 -7.41 16.76
CA GLN A 153 40.01 -7.55 16.23
C GLN A 153 40.77 -8.61 16.98
N ASP A 154 40.57 -8.64 18.30
CA ASP A 154 41.20 -9.65 19.16
C ASP A 154 40.82 -11.07 18.72
N GLN A 155 39.63 -11.21 18.12
CA GLN A 155 39.22 -12.50 17.57
C GLN A 155 39.78 -12.72 16.15
N GLY A 156 40.46 -11.72 15.61
CA GLY A 156 40.91 -11.83 14.23
C GLY A 156 39.78 -11.54 13.26
N GLY A 157 38.87 -10.65 13.67
CA GLY A 157 37.80 -10.18 12.80
C GLY A 157 36.61 -11.12 12.76
N TRP A 158 35.75 -10.96 11.77
CA TRP A 158 34.56 -11.78 11.67
C TRP A 158 34.85 -13.26 11.38
N ASP A 159 36.07 -13.56 10.94
CA ASP A 159 36.47 -14.96 10.76
C ASP A 159 36.34 -15.70 12.09
N GLY A 160 36.39 -14.96 13.20
CA GLY A 160 36.23 -15.51 14.54
C GLY A 160 34.81 -15.97 14.83
N LEU A 161 33.82 -15.34 14.19
CA LEU A 161 32.43 -15.75 14.32
C LEU A 161 32.17 -17.07 13.62
N LEU A 162 32.91 -17.30 12.53
CA LEU A 162 32.89 -18.58 11.83
C LEU A 162 33.29 -19.71 12.79
N SER A 163 34.46 -19.58 13.41
CA SER A 163 34.91 -20.51 14.44
C SER A 163 33.85 -20.71 15.52
N TYR A 164 33.24 -19.61 15.96
CA TYR A 164 32.26 -19.64 17.05
C TYR A 164 31.04 -20.49 16.67
N PHE A 165 30.62 -20.39 15.41
CA PHE A 165 29.51 -21.19 14.94
C PHE A 165 29.90 -22.64 14.59
N GLY A 166 31.20 -22.92 14.61
CA GLY A 166 31.67 -24.26 14.30
C GLY A 166 32.23 -24.37 12.89
N THR A 167 31.71 -23.55 11.98
CA THR A 167 32.20 -23.53 10.60
C THR A 167 33.65 -23.04 10.53
N SER B 1 9.30 11.61 -15.91
CA SER B 1 8.69 12.94 -15.91
C SER B 1 7.58 13.01 -16.93
N GLU B 2 7.92 13.41 -18.16
CA GLU B 2 6.98 13.40 -19.27
C GLU B 2 6.50 11.97 -19.51
N SER B 3 7.36 11.00 -19.22
CA SER B 3 7.01 9.59 -19.30
C SER B 3 6.24 9.15 -18.06
N GLN B 4 6.55 9.75 -16.92
CA GLN B 4 5.80 9.47 -15.70
C GLN B 4 4.35 9.95 -15.85
N GLU B 5 4.17 11.11 -16.47
CA GLU B 5 2.82 11.60 -16.80
C GLU B 5 2.07 10.56 -17.63
N ASP B 6 2.81 9.86 -18.49
CA ASP B 6 2.22 8.84 -19.33
C ASP B 6 1.83 7.62 -18.50
N ILE B 7 2.72 7.17 -17.62
CA ILE B 7 2.42 6.06 -16.74
C ILE B 7 1.19 6.35 -15.85
N ILE B 8 1.07 7.61 -15.40
CA ILE B 8 -0.04 7.99 -14.54
C ILE B 8 -1.39 7.94 -15.29
N ARG B 9 -1.43 8.51 -16.50
CA ARG B 9 -2.64 8.46 -17.32
C ARG B 9 -3.02 7.01 -17.59
N ASN B 10 -1.99 6.21 -17.83
CA ASN B 10 -2.16 4.79 -18.06
C ASN B 10 -2.86 4.07 -16.92
N ILE B 11 -2.32 4.24 -15.72
CA ILE B 11 -2.86 3.65 -14.51
C ILE B 11 -4.35 4.03 -14.39
N ALA B 12 -4.63 5.32 -14.62
CA ALA B 12 -5.97 5.85 -14.54
C ALA B 12 -6.92 5.16 -15.50
N ARG B 13 -6.51 5.10 -16.77
CA ARG B 13 -7.39 4.53 -17.78
C ARG B 13 -7.66 3.09 -17.47
N HIS B 14 -6.61 2.40 -17.04
CA HIS B 14 -6.71 1.00 -16.66
C HIS B 14 -7.65 0.81 -15.48
N LEU B 15 -7.48 1.63 -14.45
CA LEU B 15 -8.33 1.52 -13.26
C LEU B 15 -9.77 1.79 -13.66
N ALA B 16 -9.97 2.80 -14.50
CA ALA B 16 -11.32 3.14 -14.96
C ALA B 16 -11.92 1.98 -15.76
N GLN B 17 -11.09 1.31 -16.54
CA GLN B 17 -11.55 0.23 -17.41
C GLN B 17 -11.90 -1.01 -16.58
N VAL B 18 -11.01 -1.35 -15.65
CA VAL B 18 -11.25 -2.45 -14.75
C VAL B 18 -12.54 -2.21 -13.96
N GLY B 19 -12.77 -0.97 -13.55
CA GLY B 19 -13.97 -0.62 -12.80
C GLY B 19 -15.25 -0.69 -13.62
N ASP B 20 -15.15 -0.32 -14.89
CA ASP B 20 -16.30 -0.42 -15.80
C ASP B 20 -16.66 -1.88 -16.05
N SER B 21 -15.68 -2.76 -15.94
CA SER B 21 -15.86 -4.18 -16.24
C SER B 21 -16.27 -5.03 -15.05
N MET B 22 -16.11 -4.51 -13.83
CA MET B 22 -16.46 -5.27 -12.63
C MET B 22 -17.94 -5.63 -12.52
N ASP B 23 -18.75 -5.02 -13.38
CA ASP B 23 -20.19 -5.31 -13.45
C ASP B 23 -20.47 -6.78 -13.74
N ARG B 24 -20.55 -7.12 -15.04
CA ARG B 24 -20.78 -8.51 -15.45
C ARG B 24 -19.48 -9.29 -15.49
#